data_6E2U
#
_entry.id   6E2U
#
_cell.length_a   80.037
_cell.length_b   97.036
_cell.length_c   46.018
_cell.angle_alpha   90.00
_cell.angle_beta   90.00
_cell.angle_gamma   90.00
#
_symmetry.space_group_name_H-M   'P 21 21 2'
#
loop_
_entity.id
_entity.type
_entity.pdbx_description
1 polymer 'Mevalonate diphosphate decarboxylase'
2 non-polymer '(3R)-3-HYDROXY-5-{[(R)-HYDROXY(PHOSPHONOOXY)PHOSPHORYL]OXY}-3-METHYLPENTANOIC ACID'
3 non-polymer 'PHOSPHOMETHYLPHOSPHONIC ACID ADENYLATE ESTER'
4 non-polymer 'MAGNESIUM ION'
5 water water
#
_entity_poly.entity_id   1
_entity_poly.type   'polypeptide(L)'
_entity_poly.pdbx_seq_one_letter_code
;MHHHHHHHHGVDLGTENLYFQSNAMLSGKARAHTNIALIKYWGKANEEYILPMNSSLSLTLDAFYTETTVTFDAHYSEDV
FILNGILQNEKQTKKVKEFLNLVRQQADCTWFAKVESQNFVPTAAGLASSASGLAALAGACNVALGLNLSAKDLSRLARR
GSGSACRSIFGGFAQWNKGHSDETSFAENIPANNWENELAMLFILINDGEKDVSSRDGMKRTVETSSFYQGWLDNVEKDL
SQVHEAIKTKDFPRLGEIIEANGLRMHGTTLGAVPPFTYWSPGSLQAMALVRQARAKGIPCYFTMDAGPNVKVLVEKKNL
EALKTFLSEHFSKEQLVPAFAGPGIELFETKGMDK
;
_entity_poly.pdbx_strand_id   A
#
loop_
_chem_comp.id
_chem_comp.type
_chem_comp.name
_chem_comp.formula
ACP non-polymer 'PHOSPHOMETHYLPHOSPHONIC ACID ADENYLATE ESTER' 'C11 H18 N5 O12 P3'
DP6 non-polymer '(3R)-3-HYDROXY-5-{[(R)-HYDROXY(PHOSPHONOOXY)PHOSPHORYL]OXY}-3-METHYLPENTANOIC ACID' 'C6 H14 O10 P2'
MG non-polymer 'MAGNESIUM ION' 'Mg 2'
#
# COMPACT_ATOMS: atom_id res chain seq x y z
N ALA A 24 33.33 -12.76 0.10
CA ALA A 24 32.13 -13.48 -0.46
C ALA A 24 30.84 -12.79 0.01
N MET A 25 30.52 -11.70 -0.66
CA MET A 25 29.34 -10.95 -0.29
C MET A 25 28.71 -10.40 -1.55
N LEU A 26 27.41 -10.16 -1.45
CA LEU A 26 26.60 -9.64 -2.53
C LEU A 26 25.66 -8.61 -1.93
N SER A 27 25.56 -7.42 -2.53
CA SER A 27 24.76 -6.35 -1.94
C SER A 27 24.05 -5.55 -3.02
N GLY A 28 23.05 -4.79 -2.58
CA GLY A 28 22.19 -4.01 -3.46
C GLY A 28 21.31 -3.07 -2.67
N LYS A 29 20.76 -2.09 -3.37
CA LYS A 29 19.99 -1.04 -2.73
C LYS A 29 18.84 -0.64 -3.63
N ALA A 30 17.76 -0.18 -3.01
CA ALA A 30 16.63 0.31 -3.76
C ALA A 30 15.85 1.33 -2.95
N ARG A 31 15.17 2.23 -3.64
CA ARG A 31 14.20 3.12 -3.01
C ARG A 31 12.85 2.87 -3.66
N ALA A 32 11.81 2.70 -2.84
CA ALA A 32 10.46 2.51 -3.35
C ALA A 32 9.49 3.37 -2.54
N HIS A 33 8.48 3.91 -3.23
CA HIS A 33 7.52 4.81 -2.60
C HIS A 33 6.28 4.01 -2.16
N THR A 34 5.59 4.51 -1.15
CA THR A 34 4.32 3.89 -0.79
C THR A 34 3.27 4.13 -1.88
N ASN A 35 2.22 3.31 -1.85
CA ASN A 35 1.05 3.52 -2.70
C ASN A 35 -0.19 3.34 -1.83
N ILE A 36 -1.27 4.04 -2.17
CA ILE A 36 -2.54 3.87 -1.49
C ILE A 36 -3.54 3.36 -2.49
N ALA A 37 -4.23 2.29 -2.11
CA ALA A 37 -5.17 1.66 -3.01
C ALA A 37 -6.46 2.47 -3.05
N LEU A 38 -6.92 2.79 -4.26
CA LEU A 38 -8.21 3.46 -4.43
C LEU A 38 -9.30 2.41 -4.58
N ILE A 39 -8.98 1.34 -5.30
CA ILE A 39 -9.76 0.11 -5.33
C ILE A 39 -8.96 -0.93 -4.56
N LYS A 40 -9.53 -1.43 -3.47
CA LYS A 40 -8.80 -2.20 -2.48
C LYS A 40 -8.51 -3.63 -2.91
N TYR A 41 -7.33 -4.10 -2.55
CA TYR A 41 -7.03 -5.53 -2.43
C TYR A 41 -7.47 -5.99 -1.05
N TRP A 42 -8.33 -7.01 -0.99
CA TRP A 42 -8.84 -7.47 0.29
C TRP A 42 -9.16 -8.96 0.14
N GLY A 43 -8.24 -9.80 0.58
CA GLY A 43 -8.43 -11.24 0.55
C GLY A 43 -7.64 -12.00 -0.50
N LYS A 44 -6.99 -13.08 -0.09
CA LYS A 44 -6.14 -13.87 -0.97
C LYS A 44 -6.89 -15.09 -1.52
N ALA A 45 -6.81 -15.26 -2.83
CA ALA A 45 -7.26 -16.51 -3.43
C ALA A 45 -6.27 -17.63 -3.19
N ASN A 46 -4.97 -17.29 -3.10
CA ASN A 46 -3.95 -18.27 -2.77
C ASN A 46 -3.02 -17.64 -1.74
N GLU A 47 -2.99 -18.20 -0.53
CA GLU A 47 -2.22 -17.56 0.53
C GLU A 47 -0.71 -17.76 0.35
N GLU A 48 -0.30 -18.90 -0.22
CA GLU A 48 1.13 -19.22 -0.33
C GLU A 48 1.83 -18.29 -1.31
N TYR A 49 1.18 -17.98 -2.44
CA TYR A 49 1.76 -17.13 -3.47
C TYR A 49 1.18 -15.73 -3.52
N ILE A 50 0.26 -15.40 -2.62
CA ILE A 50 -0.40 -14.09 -2.59
C ILE A 50 -0.93 -13.79 -3.98
N LEU A 51 -1.80 -14.66 -4.44
CA LEU A 51 -2.72 -14.41 -5.54
C LEU A 51 -4.00 -13.83 -4.97
N PRO A 52 -4.44 -12.67 -5.43
CA PRO A 52 -5.57 -12.00 -4.77
C PRO A 52 -6.91 -12.44 -5.32
N MET A 53 -7.94 -12.33 -4.47
CA MET A 53 -9.30 -12.64 -4.92
C MET A 53 -9.80 -11.62 -5.92
N ASN A 54 -9.24 -10.42 -5.92
CA ASN A 54 -9.69 -9.40 -6.85
C ASN A 54 -8.54 -8.48 -7.23
N SER A 55 -8.67 -7.83 -8.38
CA SER A 55 -7.71 -6.85 -8.84
C SER A 55 -7.86 -5.56 -8.07
N SER A 56 -6.79 -4.74 -8.06
CA SER A 56 -6.80 -3.50 -7.30
C SER A 56 -6.09 -2.40 -8.07
N LEU A 57 -6.16 -1.18 -7.53
CA LEU A 57 -5.66 0.01 -8.24
C LEU A 57 -5.28 1.10 -7.25
N SER A 58 -4.08 1.65 -7.41
CA SER A 58 -3.46 2.45 -6.36
C SER A 58 -2.85 3.71 -6.98
N LEU A 59 -2.53 4.66 -6.12
CA LEU A 59 -1.74 5.82 -6.51
C LEU A 59 -0.45 5.78 -5.71
N THR A 60 0.68 5.80 -6.42
CA THR A 60 1.97 5.91 -5.76
C THR A 60 2.24 7.35 -5.38
N LEU A 61 2.76 7.53 -4.17
CA LEU A 61 2.90 8.87 -3.56
C LEU A 61 4.36 9.29 -3.45
N ASP A 62 4.58 10.62 -3.46
CA ASP A 62 5.94 11.16 -3.42
C ASP A 62 6.47 11.28 -2.00
N ALA A 63 5.60 11.57 -1.05
CA ALA A 63 6.05 12.01 0.27
C ALA A 63 6.65 10.89 1.10
N PHE A 64 6.19 9.67 0.90
CA PHE A 64 6.47 8.58 1.83
C PHE A 64 7.17 7.47 1.08
N TYR A 65 8.32 7.05 1.58
CA TYR A 65 9.09 6.05 0.85
C TYR A 65 10.02 5.32 1.80
N THR A 66 10.67 4.30 1.28
CA THR A 66 11.63 3.49 2.02
C THR A 66 12.91 3.35 1.20
N GLU A 67 14.04 3.44 1.87
CA GLU A 67 15.33 3.14 1.28
C GLU A 67 15.88 1.89 1.98
N THR A 68 16.34 0.92 1.20
CA THR A 68 16.77 -0.34 1.75
C THR A 68 18.06 -0.81 1.12
N THR A 69 18.97 -1.27 1.96
CA THR A 69 20.13 -2.03 1.49
C THR A 69 20.05 -3.44 2.04
N VAL A 70 20.49 -4.38 1.23
CA VAL A 70 20.60 -5.76 1.63
C VAL A 70 21.99 -6.24 1.27
N THR A 71 22.56 -7.05 2.16
CA THR A 71 23.86 -7.69 1.97
C THR A 71 23.70 -9.17 2.31
N PHE A 72 23.99 -10.03 1.36
CA PHE A 72 24.12 -11.45 1.62
C PHE A 72 25.61 -11.73 1.77
N ASP A 73 25.97 -12.45 2.84
CA ASP A 73 27.39 -12.67 3.17
C ASP A 73 27.56 -14.06 3.77
N ALA A 74 28.48 -14.83 3.20
CA ALA A 74 28.79 -16.16 3.72
C ALA A 74 29.15 -16.14 5.19
N HIS A 75 29.64 -15.02 5.71
CA HIS A 75 30.12 -14.96 7.09
C HIS A 75 29.07 -14.48 8.06
N TYR A 76 27.87 -14.15 7.58
CA TYR A 76 26.77 -13.83 8.48
C TYR A 76 26.26 -15.09 9.15
N SER A 77 25.84 -14.95 10.41
CA SER A 77 25.44 -16.10 11.22
C SER A 77 23.94 -16.18 11.45
N GLU A 78 23.16 -15.17 11.05
CA GLU A 78 21.71 -15.22 11.08
C GLU A 78 21.21 -14.05 10.25
N ASP A 79 19.92 -14.05 9.92
CA ASP A 79 19.31 -12.91 9.24
C ASP A 79 19.09 -11.77 10.22
N VAL A 80 19.42 -10.56 9.80
CA VAL A 80 19.35 -9.39 10.67
C VAL A 80 18.59 -8.27 9.95
N PHE A 81 17.61 -7.68 10.63
CA PHE A 81 16.80 -6.61 10.07
C PHE A 81 16.88 -5.38 10.97
N ILE A 82 17.43 -4.29 10.41
CA ILE A 82 17.51 -3.00 11.09
C ILE A 82 16.56 -2.02 10.43
N LEU A 83 15.67 -1.42 11.23
CA LEU A 83 14.69 -0.48 10.71
C LEU A 83 14.84 0.85 11.46
N ASN A 84 15.13 1.91 10.71
CA ASN A 84 15.39 3.22 11.28
C ASN A 84 16.45 3.12 12.37
N GLY A 85 17.40 2.20 12.16
CA GLY A 85 18.51 2.02 13.09
C GLY A 85 18.21 1.16 14.29
N ILE A 86 17.04 0.54 14.35
CA ILE A 86 16.64 -0.27 15.50
C ILE A 86 16.59 -1.73 15.05
N LEU A 87 17.33 -2.58 15.74
CA LEU A 87 17.24 -4.00 15.48
C LEU A 87 15.83 -4.48 15.71
N GLN A 88 15.29 -5.17 14.72
CA GLN A 88 13.92 -5.69 14.76
C GLN A 88 13.91 -7.10 15.37
N ASN A 89 12.89 -7.36 16.18
CA ASN A 89 12.75 -8.68 16.79
C ASN A 89 12.10 -9.65 15.81
N GLU A 90 11.92 -10.90 16.26
CA GLU A 90 11.44 -11.95 15.37
C GLU A 90 10.11 -11.58 14.75
N LYS A 91 9.11 -11.23 15.58
CA LYS A 91 7.79 -10.89 15.04
C LYS A 91 7.85 -9.71 14.08
N GLN A 92 8.66 -8.70 14.41
CA GLN A 92 8.76 -7.53 13.56
C GLN A 92 9.43 -7.83 12.22
N THR A 93 10.17 -8.92 12.14
CA THR A 93 10.95 -9.25 10.97
C THR A 93 10.23 -10.26 10.06
N LYS A 94 9.03 -10.69 10.45
CA LYS A 94 8.42 -11.89 9.87
C LYS A 94 8.28 -11.77 8.35
N LYS A 95 7.61 -10.70 7.85
CA LYS A 95 7.48 -10.56 6.40
C LYS A 95 8.84 -10.47 5.73
N VAL A 96 9.81 -9.80 6.36
CA VAL A 96 11.16 -9.67 5.79
C VAL A 96 11.80 -11.04 5.66
N LYS A 97 11.77 -11.80 6.76
CA LYS A 97 12.39 -13.11 6.82
C LYS A 97 11.82 -14.06 5.79
N GLU A 98 10.48 -14.08 5.69
CA GLU A 98 9.81 -14.93 4.71
C GLU A 98 10.17 -14.53 3.28
N PHE A 99 10.27 -13.22 3.01
CA PHE A 99 10.68 -12.80 1.68
C PHE A 99 12.13 -13.22 1.37
N LEU A 100 13.02 -13.05 2.34
CA LEU A 100 14.42 -13.49 2.14
C LEU A 100 14.49 -14.96 1.77
N ASN A 101 13.77 -15.81 2.49
CA ASN A 101 13.81 -17.25 2.22
C ASN A 101 13.34 -17.54 0.81
N LEU A 102 12.28 -16.86 0.36
CA LEU A 102 11.75 -17.15 -0.96
C LEU A 102 12.63 -16.57 -2.05
N VAL A 103 13.27 -15.42 -1.83
CA VAL A 103 14.17 -14.92 -2.85
C VAL A 103 15.45 -15.75 -2.89
N ARG A 104 15.92 -16.19 -1.72
CA ARG A 104 17.08 -17.08 -1.66
C ARG A 104 16.82 -18.41 -2.36
N GLN A 105 15.66 -19.03 -2.10
CA GLN A 105 15.32 -20.26 -2.83
C GLN A 105 15.25 -20.02 -4.33
N GLN A 106 14.84 -18.83 -4.76
CA GLN A 106 14.74 -18.53 -6.20
C GLN A 106 16.13 -18.35 -6.82
N ALA A 107 17.09 -17.78 -6.08
CA ALA A 107 18.46 -17.66 -6.52
C ALA A 107 19.32 -18.88 -6.17
N ASP A 108 18.77 -19.85 -5.44
CA ASP A 108 19.62 -20.94 -4.89
C ASP A 108 20.80 -20.36 -4.08
N CYS A 109 20.52 -19.30 -3.31
CA CYS A 109 21.51 -18.67 -2.45
C CYS A 109 21.36 -19.18 -1.01
N THR A 110 22.49 -19.52 -0.38
CA THR A 110 22.48 -20.15 0.94
C THR A 110 22.98 -19.22 2.04
N TRP A 111 23.11 -17.92 1.77
CA TRP A 111 23.71 -17.03 2.75
C TRP A 111 22.63 -16.32 3.56
N PHE A 112 22.87 -16.18 4.86
CA PHE A 112 22.10 -15.25 5.68
C PHE A 112 22.29 -13.80 5.16
N ALA A 113 21.37 -12.91 5.51
CA ALA A 113 21.41 -11.54 5.02
C ALA A 113 21.31 -10.51 6.15
N LYS A 114 21.76 -9.29 5.87
CA LYS A 114 21.48 -8.12 6.69
C LYS A 114 20.66 -7.14 5.87
N VAL A 115 19.53 -6.71 6.42
CA VAL A 115 18.62 -5.77 5.76
C VAL A 115 18.66 -4.51 6.61
N GLU A 116 18.98 -3.39 5.99
CA GLU A 116 18.93 -2.09 6.66
C GLU A 116 18.00 -1.19 5.88
N SER A 117 16.91 -0.77 6.52
CA SER A 117 15.90 0.03 5.88
C SER A 117 15.62 1.28 6.72
N GLN A 118 15.27 2.35 6.02
CA GLN A 118 14.83 3.59 6.65
C GLN A 118 13.52 3.99 6.00
N ASN A 119 12.52 4.28 6.82
CA ASN A 119 11.20 4.68 6.36
C ASN A 119 11.11 6.19 6.41
N PHE A 120 10.86 6.80 5.26
CA PHE A 120 10.70 8.25 5.19
C PHE A 120 9.20 8.52 5.25
N VAL A 121 8.69 8.43 6.49
CA VAL A 121 7.29 8.72 6.82
C VAL A 121 7.29 9.65 8.03
N PRO A 122 6.17 10.33 8.30
CA PRO A 122 6.14 11.29 9.41
C PRO A 122 6.22 10.60 10.76
N THR A 123 6.94 11.23 11.67
CA THR A 123 7.18 10.67 13.00
C THR A 123 5.88 10.24 13.66
N ALA A 124 5.86 9.01 14.18
CA ALA A 124 4.75 8.44 14.91
C ALA A 124 3.44 8.39 14.11
N ALA A 125 3.50 8.61 12.79
CA ALA A 125 2.28 8.67 11.99
C ALA A 125 1.53 7.34 11.95
N GLY A 126 2.24 6.23 12.17
CA GLY A 126 1.59 4.94 12.04
C GLY A 126 1.13 4.65 10.63
N LEU A 127 1.94 5.01 9.63
CA LEU A 127 1.62 4.63 8.26
C LEU A 127 1.95 3.16 8.04
N ALA A 128 1.20 2.53 7.14
CA ALA A 128 1.55 1.19 6.69
C ALA A 128 2.77 1.28 5.79
N SER A 129 3.79 0.48 6.11
CA SER A 129 5.04 0.53 5.36
C SER A 129 5.37 -0.81 4.71
N SER A 130 4.44 -1.76 4.66
CA SER A 130 4.80 -3.03 4.04
C SER A 130 4.92 -2.85 2.53
N ALA A 131 4.12 -1.97 1.93
CA ALA A 131 4.18 -1.82 0.48
C ALA A 131 5.54 -1.28 0.08
N SER A 132 5.93 -0.13 0.63
CA SER A 132 7.21 0.48 0.26
C SER A 132 8.38 -0.35 0.78
N GLY A 133 8.24 -0.95 1.96
CA GLY A 133 9.36 -1.69 2.53
C GLY A 133 9.65 -2.99 1.79
N LEU A 134 8.62 -3.78 1.49
CA LEU A 134 8.87 -5.03 0.76
C LEU A 134 9.20 -4.77 -0.70
N ALA A 135 8.62 -3.73 -1.29
CA ALA A 135 9.02 -3.41 -2.64
C ALA A 135 10.50 -3.04 -2.68
N ALA A 136 10.92 -2.17 -1.78
CA ALA A 136 12.32 -1.78 -1.71
C ALA A 136 13.21 -2.98 -1.43
N LEU A 137 12.80 -3.86 -0.50
CA LEU A 137 13.60 -5.05 -0.23
C LEU A 137 13.69 -5.92 -1.48
N ALA A 138 12.57 -6.10 -2.19
CA ALA A 138 12.60 -6.87 -3.43
C ALA A 138 13.56 -6.26 -4.46
N GLY A 139 13.53 -4.94 -4.61
CA GLY A 139 14.45 -4.31 -5.56
C GLY A 139 15.90 -4.49 -5.15
N ALA A 140 16.20 -4.37 -3.85
CA ALA A 140 17.58 -4.51 -3.41
C ALA A 140 18.06 -5.95 -3.59
N CYS A 141 17.18 -6.93 -3.39
CA CYS A 141 17.58 -8.31 -3.57
C CYS A 141 17.81 -8.64 -5.03
N ASN A 142 16.94 -8.11 -5.91
CA ASN A 142 17.12 -8.21 -7.35
C ASN A 142 18.50 -7.74 -7.78
N VAL A 143 18.95 -6.59 -7.25
CA VAL A 143 20.30 -6.09 -7.54
C VAL A 143 21.37 -7.01 -6.94
N ALA A 144 21.26 -7.33 -5.65
CA ALA A 144 22.33 -8.08 -4.99
C ALA A 144 22.58 -9.42 -5.68
N LEU A 145 21.50 -10.11 -5.99
CA LEU A 145 21.58 -11.47 -6.50
C LEU A 145 21.62 -11.50 -8.03
N GLY A 146 21.80 -10.35 -8.66
CA GLY A 146 21.86 -10.27 -10.11
C GLY A 146 20.69 -10.93 -10.82
N LEU A 147 19.48 -10.79 -10.29
CA LEU A 147 18.34 -11.43 -10.94
C LEU A 147 17.95 -10.71 -12.23
N ASN A 148 18.31 -9.44 -12.37
CA ASN A 148 18.09 -8.69 -13.61
C ASN A 148 16.63 -8.73 -14.05
N LEU A 149 15.70 -8.51 -13.12
CA LEU A 149 14.27 -8.70 -13.42
C LEU A 149 13.68 -7.52 -14.21
N SER A 150 12.75 -7.84 -15.11
CA SER A 150 11.92 -6.80 -15.69
C SER A 150 11.05 -6.18 -14.62
N ALA A 151 10.44 -5.06 -14.96
CA ALA A 151 9.53 -4.40 -14.04
C ALA A 151 8.37 -5.32 -13.69
N LYS A 152 7.82 -6.00 -14.70
CA LYS A 152 6.80 -7.01 -14.48
C LYS A 152 7.26 -8.10 -13.50
N ASP A 153 8.45 -8.67 -13.72
CA ASP A 153 8.88 -9.76 -12.87
C ASP A 153 9.32 -9.27 -11.49
N LEU A 154 9.80 -8.03 -11.42
CA LEU A 154 10.07 -7.43 -10.12
C LEU A 154 8.77 -7.25 -9.35
N SER A 155 7.69 -6.86 -10.05
CA SER A 155 6.39 -6.74 -9.40
C SER A 155 5.92 -8.10 -8.88
N ARG A 156 6.07 -9.15 -9.69
CA ARG A 156 5.74 -10.51 -9.24
C ARG A 156 6.54 -10.92 -8.02
N LEU A 157 7.84 -10.61 -8.01
CA LEU A 157 8.67 -10.96 -6.85
C LEU A 157 8.19 -10.24 -5.59
N ALA A 158 7.98 -8.93 -5.68
CA ALA A 158 7.53 -8.16 -4.54
C ALA A 158 6.14 -8.60 -4.07
N ARG A 159 5.27 -8.99 -5.01
CA ARG A 159 3.96 -9.55 -4.65
C ARG A 159 4.08 -10.64 -3.59
N ARG A 160 5.11 -11.49 -3.72
CA ARG A 160 5.23 -12.63 -2.82
C ARG A 160 5.64 -12.25 -1.42
N GLY A 161 6.20 -11.06 -1.21
CA GLY A 161 6.45 -10.60 0.14
C GLY A 161 5.25 -9.92 0.77
N SER A 162 4.57 -9.09 0.00
CA SER A 162 3.36 -8.41 0.47
C SER A 162 2.59 -7.97 -0.77
N GLY A 163 1.31 -8.32 -0.83
CA GLY A 163 0.55 -8.04 -2.04
C GLY A 163 0.64 -6.58 -2.46
N SER A 164 0.43 -5.67 -1.51
CA SER A 164 0.37 -4.27 -1.87
C SER A 164 1.73 -3.76 -2.32
N ALA A 165 2.81 -4.45 -1.97
CA ALA A 165 4.13 -4.05 -2.44
C ALA A 165 4.26 -4.12 -3.97
N CYS A 166 3.50 -4.99 -4.63
CA CYS A 166 3.74 -5.18 -6.06
C CYS A 166 3.36 -3.95 -6.85
N ARG A 167 2.50 -3.09 -6.29
CA ARG A 167 2.09 -1.87 -6.96
C ARG A 167 3.14 -0.77 -6.85
N SER A 168 3.96 -0.80 -5.79
CA SER A 168 4.98 0.23 -5.54
C SER A 168 6.16 0.12 -6.51
N ILE A 169 6.20 -0.92 -7.34
CA ILE A 169 7.20 -0.97 -8.41
C ILE A 169 6.98 0.17 -9.39
N PHE A 170 5.75 0.66 -9.50
CA PHE A 170 5.34 1.60 -10.51
C PHE A 170 4.94 2.90 -9.86
N GLY A 171 5.05 3.96 -10.66
CA GLY A 171 4.67 5.29 -10.24
C GLY A 171 3.26 5.62 -10.69
N GLY A 172 2.74 6.73 -10.14
CA GLY A 172 1.44 7.23 -10.55
C GLY A 172 0.33 6.24 -10.21
N PHE A 173 -0.63 6.14 -11.13
CA PHE A 173 -1.64 5.08 -11.03
C PHE A 173 -1.00 3.77 -11.42
N ALA A 174 -1.31 2.71 -10.65
CA ALA A 174 -0.92 1.35 -11.00
C ALA A 174 -2.07 0.39 -10.71
N GLN A 175 -2.21 -0.62 -11.55
CA GLN A 175 -3.21 -1.67 -11.35
C GLN A 175 -2.50 -3.00 -11.07
N TRP A 176 -2.95 -3.69 -10.04
CA TRP A 176 -2.57 -5.08 -9.81
C TRP A 176 -3.64 -5.98 -10.42
N ASN A 177 -3.30 -6.64 -11.54
CA ASN A 177 -4.15 -7.63 -12.19
C ASN A 177 -4.09 -8.94 -11.40
N LYS A 178 -5.25 -9.41 -10.92
CA LYS A 178 -5.27 -10.59 -10.05
C LYS A 178 -4.68 -11.82 -10.73
N GLY A 179 -4.81 -11.92 -12.05
CA GLY A 179 -4.34 -13.09 -12.78
C GLY A 179 -4.90 -14.38 -12.22
N HIS A 180 -4.25 -15.51 -12.52
CA HIS A 180 -4.68 -16.81 -12.06
C HIS A 180 -3.50 -17.67 -11.62
N SER A 181 -2.29 -17.12 -11.64
CA SER A 181 -1.08 -17.89 -11.45
C SER A 181 0.02 -16.94 -10.98
N ASP A 182 1.07 -17.53 -10.42
CA ASP A 182 2.23 -16.73 -10.06
C ASP A 182 2.75 -15.94 -11.24
N GLU A 183 2.60 -16.48 -12.47
CA GLU A 183 3.08 -15.82 -13.66
C GLU A 183 2.20 -14.66 -14.11
N THR A 184 0.89 -14.70 -13.86
CA THR A 184 -0.06 -13.72 -14.39
C THR A 184 -0.58 -12.72 -13.36
N SER A 185 -0.12 -12.76 -12.11
CA SER A 185 -0.57 -11.82 -11.08
C SER A 185 0.53 -10.79 -10.85
N PHE A 186 0.31 -9.56 -11.30
CA PHE A 186 1.35 -8.54 -11.17
C PHE A 186 0.74 -7.19 -11.51
N ALA A 187 1.49 -6.14 -11.23
CA ALA A 187 1.01 -4.78 -11.42
C ALA A 187 1.60 -4.17 -12.67
N GLU A 188 0.98 -3.07 -13.12
CA GLU A 188 1.47 -2.30 -14.24
C GLU A 188 1.03 -0.85 -14.05
N ASN A 189 1.78 0.08 -14.63
CA ASN A 189 1.35 1.47 -14.62
C ASN A 189 0.10 1.64 -15.47
N ILE A 190 -0.71 2.62 -15.10
CA ILE A 190 -1.91 3.02 -15.84
C ILE A 190 -1.62 4.41 -16.40
N PRO A 191 -1.34 4.55 -17.70
CA PRO A 191 -1.16 5.91 -18.25
C PRO A 191 -2.45 6.71 -18.14
N ALA A 192 -2.33 7.96 -17.70
CA ALA A 192 -3.48 8.83 -17.48
C ALA A 192 -3.29 10.24 -18.05
N ASN A 193 -2.39 10.42 -19.02
CA ASN A 193 -2.14 11.74 -19.62
C ASN A 193 -1.77 12.78 -18.56
N ASN A 194 -1.01 12.34 -17.57
CA ASN A 194 -0.48 13.14 -16.46
C ASN A 194 -1.57 13.63 -15.52
N TRP A 195 -2.79 13.08 -15.61
CA TRP A 195 -3.81 13.48 -14.65
C TRP A 195 -3.34 13.27 -13.21
N GLU A 196 -2.52 12.27 -12.95
CA GLU A 196 -2.10 12.06 -11.56
C GLU A 196 -1.33 13.25 -11.02
N ASN A 197 -0.81 14.10 -11.90
CA ASN A 197 -0.01 15.23 -11.42
C ASN A 197 -0.87 16.39 -10.97
N GLU A 198 -2.16 16.35 -11.27
CA GLU A 198 -3.11 17.34 -10.80
C GLU A 198 -3.73 16.95 -9.46
N LEU A 199 -3.41 15.77 -8.93
CA LEU A 199 -4.09 15.25 -7.76
C LEU A 199 -3.19 15.24 -6.55
N ALA A 200 -3.83 15.10 -5.39
CA ALA A 200 -3.16 15.06 -4.12
C ALA A 200 -3.90 14.10 -3.21
N MET A 201 -3.22 13.69 -2.15
CA MET A 201 -3.82 12.94 -1.07
C MET A 201 -3.36 13.58 0.23
N LEU A 202 -4.33 14.08 1.01
CA LEU A 202 -4.06 14.62 2.33
C LEU A 202 -4.32 13.57 3.39
N PHE A 203 -3.28 13.23 4.15
CA PHE A 203 -3.39 12.25 5.21
C PHE A 203 -3.82 12.94 6.49
N ILE A 204 -4.81 12.35 7.16
CA ILE A 204 -5.27 12.79 8.47
C ILE A 204 -4.82 11.72 9.46
N LEU A 205 -3.88 12.09 10.34
CA LEU A 205 -3.26 11.14 11.25
C LEU A 205 -4.11 10.96 12.50
N ILE A 206 -4.60 9.74 12.71
CA ILE A 206 -5.47 9.39 13.81
C ILE A 206 -4.73 8.38 14.67
N ASN A 207 -4.67 8.62 15.99
CA ASN A 207 -3.94 7.73 16.87
C ASN A 207 -4.80 7.13 17.98
N ASP A 208 -6.07 7.54 18.10
CA ASP A 208 -6.94 7.00 19.15
C ASP A 208 -7.44 5.59 18.80
N GLY A 209 -6.65 4.85 18.03
CA GLY A 209 -7.09 3.56 17.53
C GLY A 209 -6.73 2.42 18.48
N GLU A 210 -7.69 1.50 18.64
CA GLU A 210 -7.44 0.25 19.35
C GLU A 210 -6.24 -0.48 18.73
N LYS A 211 -5.80 -1.56 19.37
CA LYS A 211 -4.82 -2.44 18.73
C LYS A 211 -5.51 -3.14 17.55
N ASP A 212 -4.88 -3.10 16.38
CA ASP A 212 -5.55 -3.50 15.14
C ASP A 212 -5.01 -4.81 14.61
N VAL A 213 -5.95 -5.68 14.19
CA VAL A 213 -5.66 -6.85 13.39
C VAL A 213 -4.83 -6.46 12.17
N SER A 214 -3.80 -7.25 11.88
CA SER A 214 -3.01 -6.98 10.69
C SER A 214 -3.86 -7.16 9.45
N SER A 215 -3.44 -6.52 8.36
CA SER A 215 -4.15 -6.66 7.11
C SER A 215 -4.19 -8.12 6.66
N ARG A 216 -3.09 -8.85 6.84
CA ARG A 216 -3.05 -10.23 6.38
C ARG A 216 -4.02 -11.10 7.17
N ASP A 217 -4.05 -10.96 8.50
CA ASP A 217 -4.97 -11.75 9.33
C ASP A 217 -6.40 -11.31 9.15
N GLY A 218 -6.65 -10.00 9.08
CA GLY A 218 -8.01 -9.53 8.93
C GLY A 218 -8.63 -9.94 7.61
N MET A 219 -7.88 -9.82 6.50
CA MET A 219 -8.46 -10.18 5.23
C MET A 219 -8.69 -11.69 5.15
N LYS A 220 -7.83 -12.48 5.79
CA LYS A 220 -8.05 -13.92 5.85
C LYS A 220 -9.34 -14.24 6.61
N ARG A 221 -9.52 -13.63 7.79
CA ARG A 221 -10.76 -13.86 8.53
C ARG A 221 -11.98 -13.40 7.72
N THR A 222 -11.83 -12.33 6.95
CA THR A 222 -12.96 -11.86 6.15
C THR A 222 -13.28 -12.85 5.03
N VAL A 223 -12.27 -13.30 4.30
CA VAL A 223 -12.48 -14.29 3.25
C VAL A 223 -13.18 -15.52 3.82
N GLU A 224 -12.70 -16.00 4.95
CA GLU A 224 -13.15 -17.28 5.47
C GLU A 224 -14.50 -17.23 6.18
N THR A 225 -14.87 -16.09 6.76
CA THR A 225 -16.06 -16.05 7.62
C THR A 225 -17.09 -14.96 7.31
N SER A 226 -16.77 -13.93 6.52
CA SER A 226 -17.71 -12.82 6.43
C SER A 226 -18.85 -13.14 5.49
N SER A 227 -20.08 -12.94 5.97
CA SER A 227 -21.27 -13.03 5.13
C SER A 227 -21.37 -11.91 4.10
N PHE A 228 -20.51 -10.92 4.14
CA PHE A 228 -20.55 -9.81 3.22
C PHE A 228 -19.49 -9.90 2.13
N TYR A 229 -18.65 -10.94 2.16
CA TYR A 229 -17.51 -10.94 1.24
C TYR A 229 -17.94 -11.17 -0.20
N GLN A 230 -19.02 -11.91 -0.42
CA GLN A 230 -19.49 -12.08 -1.78
C GLN A 230 -20.00 -10.75 -2.34
N GLY A 231 -20.61 -9.93 -1.50
CA GLY A 231 -21.05 -8.63 -1.97
C GLY A 231 -19.88 -7.75 -2.35
N TRP A 232 -18.79 -7.87 -1.61
CA TRP A 232 -17.55 -7.17 -1.97
C TRP A 232 -17.06 -7.60 -3.34
N LEU A 233 -16.89 -8.91 -3.54
CA LEU A 233 -16.39 -9.46 -4.81
C LEU A 233 -17.27 -9.06 -5.97
N ASP A 234 -18.59 -9.09 -5.76
CA ASP A 234 -19.55 -8.84 -6.83
C ASP A 234 -19.49 -7.42 -7.33
N ASN A 235 -18.79 -6.53 -6.62
CA ASN A 235 -18.75 -5.11 -6.98
C ASN A 235 -17.38 -4.59 -7.39
N VAL A 236 -16.29 -5.34 -7.22
CA VAL A 236 -14.95 -4.80 -7.48
C VAL A 236 -14.77 -4.46 -8.96
N GLU A 237 -15.18 -5.36 -9.85
CA GLU A 237 -14.84 -5.19 -11.26
C GLU A 237 -15.57 -3.98 -11.85
N LYS A 238 -16.84 -3.75 -11.47
CA LYS A 238 -17.51 -2.56 -11.98
C LYS A 238 -16.86 -1.29 -11.44
N ASP A 239 -16.35 -1.33 -10.20
CA ASP A 239 -15.67 -0.15 -9.68
C ASP A 239 -14.41 0.13 -10.47
N LEU A 240 -13.66 -0.93 -10.78
CA LEU A 240 -12.42 -0.80 -11.53
C LEU A 240 -12.66 -0.23 -12.91
N SER A 241 -13.69 -0.75 -13.60
CA SER A 241 -14.04 -0.23 -14.92
C SER A 241 -14.37 1.25 -14.85
N GLN A 242 -15.10 1.67 -13.83
CA GLN A 242 -15.49 3.07 -13.75
C GLN A 242 -14.33 3.97 -13.36
N VAL A 243 -13.38 3.47 -12.56
CA VAL A 243 -12.16 4.22 -12.36
C VAL A 243 -11.45 4.45 -13.70
N HIS A 244 -11.35 3.42 -14.53
CA HIS A 244 -10.71 3.57 -15.83
C HIS A 244 -11.47 4.58 -16.70
N GLU A 245 -12.80 4.52 -16.72
CA GLU A 245 -13.54 5.52 -17.50
C GLU A 245 -13.30 6.91 -16.95
N ALA A 246 -13.30 7.05 -15.63
CA ALA A 246 -13.05 8.36 -15.05
C ALA A 246 -11.67 8.87 -15.39
N ILE A 247 -10.64 8.00 -15.34
CA ILE A 247 -9.29 8.46 -15.68
C ILE A 247 -9.27 8.98 -17.11
N LYS A 248 -9.94 8.29 -18.03
CA LYS A 248 -9.93 8.69 -19.43
C LYS A 248 -10.52 10.08 -19.65
N THR A 249 -11.46 10.50 -18.80
CA THR A 249 -12.12 11.78 -18.96
C THR A 249 -11.69 12.78 -17.90
N LYS A 250 -10.73 12.40 -17.06
CA LYS A 250 -10.28 13.24 -15.94
C LYS A 250 -11.47 13.78 -15.15
N ASP A 251 -12.40 12.87 -14.86
CA ASP A 251 -13.64 13.17 -14.12
C ASP A 251 -13.40 12.87 -12.64
N PHE A 252 -13.02 13.92 -11.90
CA PHE A 252 -12.63 13.73 -10.50
C PHE A 252 -13.80 13.37 -9.60
N PRO A 253 -14.97 14.05 -9.68
CA PRO A 253 -16.10 13.63 -8.80
C PRO A 253 -16.50 12.20 -9.02
N ARG A 254 -16.41 11.72 -10.26
CA ARG A 254 -16.77 10.34 -10.56
C ARG A 254 -15.74 9.38 -9.99
N LEU A 255 -14.46 9.67 -10.20
CA LEU A 255 -13.42 8.91 -9.52
C LEU A 255 -13.69 8.87 -8.02
N GLY A 256 -13.94 10.04 -7.43
CA GLY A 256 -14.03 10.13 -5.98
C GLY A 256 -15.19 9.34 -5.42
N GLU A 257 -16.35 9.45 -6.05
CA GLU A 257 -17.52 8.71 -5.56
C GLU A 257 -17.28 7.21 -5.60
N ILE A 258 -16.67 6.71 -6.69
CA ILE A 258 -16.38 5.29 -6.82
C ILE A 258 -15.44 4.83 -5.72
N ILE A 259 -14.33 5.55 -5.52
CA ILE A 259 -13.32 5.02 -4.61
C ILE A 259 -13.76 5.17 -3.18
N GLU A 260 -14.55 6.21 -2.86
CA GLU A 260 -15.02 6.33 -1.49
C GLU A 260 -15.96 5.17 -1.16
N ALA A 261 -16.87 4.83 -2.06
CA ALA A 261 -17.78 3.71 -1.79
C ALA A 261 -17.03 2.38 -1.79
N ASN A 262 -16.00 2.24 -2.63
CA ASN A 262 -15.23 1.00 -2.62
C ASN A 262 -14.58 0.79 -1.27
N GLY A 263 -13.93 1.83 -0.73
CA GLY A 263 -13.32 1.71 0.58
C GLY A 263 -14.32 1.40 1.67
N LEU A 264 -15.48 2.07 1.64
CA LEU A 264 -16.49 1.80 2.66
C LEU A 264 -17.00 0.36 2.55
N ARG A 265 -17.17 -0.13 1.32
CA ARG A 265 -17.57 -1.51 1.13
C ARG A 265 -16.52 -2.47 1.69
N MET A 266 -15.23 -2.17 1.50
CA MET A 266 -14.18 -3.02 2.05
C MET A 266 -14.32 -3.09 3.57
N HIS A 267 -14.50 -1.93 4.23
CA HIS A 267 -14.59 -1.96 5.68
C HIS A 267 -15.87 -2.61 6.16
N GLY A 268 -16.96 -2.46 5.39
CA GLY A 268 -18.19 -3.17 5.71
C GLY A 268 -17.96 -4.66 5.90
N THR A 269 -17.08 -5.24 5.10
CA THR A 269 -16.95 -6.71 5.14
C THR A 269 -16.48 -7.19 6.51
N THR A 270 -15.72 -6.36 7.26
CA THR A 270 -15.20 -6.83 8.55
C THR A 270 -16.28 -6.87 9.62
N LEU A 271 -17.35 -6.08 9.48
CA LEU A 271 -18.48 -6.16 10.40
C LEU A 271 -19.34 -7.40 10.20
N GLY A 272 -19.15 -8.16 9.12
CA GLY A 272 -19.81 -9.43 8.93
C GLY A 272 -18.92 -10.63 9.18
N ALA A 273 -17.68 -10.40 9.58
CA ALA A 273 -16.79 -11.51 9.88
C ALA A 273 -17.20 -12.15 11.21
N VAL A 274 -16.59 -13.29 11.49
CA VAL A 274 -16.94 -14.09 12.67
C VAL A 274 -15.62 -14.39 13.37
N PRO A 275 -15.30 -13.73 14.50
CA PRO A 275 -16.03 -12.61 15.09
C PRO A 275 -15.85 -11.30 14.27
N PRO A 276 -16.83 -10.42 14.34
CA PRO A 276 -16.75 -9.17 13.57
C PRO A 276 -15.77 -8.20 14.21
N PHE A 277 -15.25 -7.29 13.41
CA PHE A 277 -14.26 -6.33 13.90
C PHE A 277 -14.30 -5.11 13.00
N THR A 278 -13.67 -4.03 13.46
CA THR A 278 -13.54 -2.81 12.66
C THR A 278 -12.15 -2.23 12.82
N TYR A 279 -11.69 -1.59 11.76
CA TYR A 279 -10.44 -0.82 11.77
C TYR A 279 -10.65 0.64 12.15
N TRP A 280 -11.89 1.06 12.31
CA TRP A 280 -12.20 2.46 12.55
C TRP A 280 -11.94 2.79 14.01
N SER A 281 -11.44 3.98 14.25
CA SER A 281 -11.38 4.57 15.56
C SER A 281 -12.38 5.72 15.61
N PRO A 282 -12.69 6.22 16.82
CA PRO A 282 -13.55 7.42 16.89
C PRO A 282 -13.08 8.54 15.99
N GLY A 283 -11.78 8.82 15.99
CA GLY A 283 -11.26 9.87 15.13
C GLY A 283 -11.46 9.60 13.65
N SER A 284 -11.46 8.32 13.25
CA SER A 284 -11.70 8.01 11.83
C SER A 284 -13.07 8.50 11.40
N LEU A 285 -14.06 8.30 12.28
CA LEU A 285 -15.41 8.67 11.91
C LEU A 285 -15.58 10.17 11.91
N GLN A 286 -14.97 10.86 12.88
CA GLN A 286 -14.98 12.32 12.87
C GLN A 286 -14.39 12.84 11.57
N ALA A 287 -13.26 12.26 11.14
CA ALA A 287 -12.61 12.69 9.92
C ALA A 287 -13.49 12.47 8.69
N MET A 288 -14.13 11.29 8.62
CA MET A 288 -15.01 10.96 7.51
C MET A 288 -16.20 11.90 7.46
N ALA A 289 -16.80 12.17 8.62
CA ALA A 289 -17.89 13.14 8.68
C ALA A 289 -17.45 14.51 8.20
N LEU A 290 -16.24 14.93 8.56
CA LEU A 290 -15.77 16.24 8.14
C LEU A 290 -15.49 16.31 6.65
N VAL A 291 -15.01 15.22 6.06
CA VAL A 291 -14.88 15.17 4.61
C VAL A 291 -16.24 15.38 3.96
N ARG A 292 -17.28 14.74 4.50
CA ARG A 292 -18.61 14.95 3.95
C ARG A 292 -19.03 16.43 4.07
N GLN A 293 -18.76 17.04 5.21
CA GLN A 293 -19.09 18.47 5.36
C GLN A 293 -18.30 19.33 4.39
N ALA A 294 -17.01 19.03 4.21
CA ALA A 294 -16.20 19.75 3.23
C ALA A 294 -16.81 19.66 1.85
N ARG A 295 -17.23 18.46 1.45
CA ARG A 295 -17.89 18.33 0.14
C ARG A 295 -19.14 19.17 0.09
N ALA A 296 -19.88 19.26 1.20
CA ALA A 296 -21.13 20.01 1.20
C ALA A 296 -20.88 21.50 1.13
N LYS A 297 -19.72 21.96 1.62
CA LYS A 297 -19.26 23.34 1.44
C LYS A 297 -18.63 23.57 0.07
N GLY A 298 -18.67 22.57 -0.81
CA GLY A 298 -18.25 22.76 -2.18
C GLY A 298 -16.82 22.38 -2.48
N ILE A 299 -16.14 21.73 -1.54
CA ILE A 299 -14.77 21.26 -1.75
C ILE A 299 -14.82 19.82 -2.23
N PRO A 300 -14.59 19.54 -3.50
CA PRO A 300 -14.62 18.13 -3.94
C PRO A 300 -13.48 17.33 -3.36
N CYS A 301 -13.78 16.41 -2.46
CA CYS A 301 -12.78 15.57 -1.84
C CYS A 301 -13.48 14.31 -1.32
N TYR A 302 -12.71 13.22 -1.23
CA TYR A 302 -13.23 11.88 -1.04
C TYR A 302 -12.24 11.10 -0.18
N PHE A 303 -12.76 10.37 0.79
CA PHE A 303 -11.90 9.69 1.74
C PHE A 303 -11.73 8.21 1.43
N THR A 304 -10.67 7.64 2.00
CA THR A 304 -10.41 6.21 1.91
C THR A 304 -9.54 5.80 3.08
N MET A 305 -9.76 4.58 3.57
CA MET A 305 -9.03 4.02 4.70
C MET A 305 -8.48 2.66 4.35
N ASP A 306 -7.32 2.33 4.93
CA ASP A 306 -6.78 1.00 4.79
C ASP A 306 -6.96 0.25 6.10
N ALA A 307 -6.04 -0.64 6.45
CA ALA A 307 -6.20 -1.49 7.65
C ALA A 307 -5.66 -0.76 8.89
N GLY A 308 -6.31 0.35 9.22
CA GLY A 308 -5.93 1.13 10.37
C GLY A 308 -6.74 2.40 10.41
N PRO A 309 -6.58 3.21 11.47
CA PRO A 309 -7.47 4.35 11.69
C PRO A 309 -7.20 5.59 10.85
N ASN A 310 -6.07 5.70 10.16
CA ASN A 310 -5.81 6.94 9.43
C ASN A 310 -6.78 7.11 8.27
N VAL A 311 -7.07 8.35 7.93
CA VAL A 311 -8.01 8.64 6.86
C VAL A 311 -7.25 9.43 5.79
N LYS A 312 -7.25 8.89 4.58
CA LYS A 312 -6.64 9.59 3.47
C LYS A 312 -7.72 10.26 2.64
N VAL A 313 -7.46 11.49 2.22
CA VAL A 313 -8.46 12.30 1.54
C VAL A 313 -7.94 12.65 0.15
N LEU A 314 -8.59 12.11 -0.86
CA LEU A 314 -8.19 12.38 -2.23
C LEU A 314 -8.80 13.72 -2.63
N VAL A 315 -7.96 14.63 -3.14
CA VAL A 315 -8.39 15.98 -3.50
C VAL A 315 -7.58 16.48 -4.68
N GLU A 316 -8.16 17.38 -5.46
CA GLU A 316 -7.40 18.06 -6.53
C GLU A 316 -6.42 19.06 -5.92
N LYS A 317 -5.25 19.18 -6.56
CA LYS A 317 -4.21 20.08 -6.06
C LYS A 317 -4.73 21.50 -5.87
N LYS A 318 -5.57 21.96 -6.77
CA LYS A 318 -6.08 23.32 -6.68
C LYS A 318 -6.93 23.52 -5.43
N ASN A 319 -7.46 22.44 -4.85
CA ASN A 319 -8.37 22.54 -3.72
C ASN A 319 -7.71 22.11 -2.42
N LEU A 320 -6.39 21.88 -2.43
CA LEU A 320 -5.77 21.22 -1.28
C LEU A 320 -5.64 22.18 -0.09
N GLU A 321 -5.32 23.46 -0.33
CA GLU A 321 -5.16 24.36 0.81
C GLU A 321 -6.51 24.73 1.42
N ALA A 322 -7.52 24.90 0.59
CA ALA A 322 -8.87 25.03 1.13
C ALA A 322 -9.21 23.86 2.05
N LEU A 323 -9.00 22.64 1.58
CA LEU A 323 -9.26 21.47 2.40
C LEU A 323 -8.44 21.50 3.70
N LYS A 324 -7.13 21.80 3.59
CA LYS A 324 -6.29 21.87 4.79
C LYS A 324 -6.79 22.92 5.79
N THR A 325 -7.23 24.07 5.30
CA THR A 325 -7.73 25.11 6.21
C THR A 325 -8.96 24.60 6.96
N PHE A 326 -9.98 24.21 6.20
CA PHE A 326 -11.20 23.63 6.77
C PHE A 326 -10.90 22.61 7.85
N LEU A 327 -9.96 21.70 7.61
CA LEU A 327 -9.76 20.61 8.55
C LEU A 327 -9.01 21.05 9.81
N SER A 328 -8.33 22.20 9.80
CA SER A 328 -7.59 22.66 10.99
C SER A 328 -8.50 23.05 12.15
N GLU A 329 -9.82 23.15 11.90
CA GLU A 329 -10.78 23.44 12.95
C GLU A 329 -10.87 22.30 13.96
N HIS A 330 -10.42 21.10 13.59
CA HIS A 330 -10.51 19.95 14.47
C HIS A 330 -9.22 19.15 14.57
N PHE A 331 -8.22 19.40 13.73
CA PHE A 331 -6.98 18.64 13.76
C PHE A 331 -5.79 19.61 13.78
N SER A 332 -4.81 19.32 14.63
CA SER A 332 -3.55 20.08 14.58
C SER A 332 -2.86 19.88 13.24
N LYS A 333 -1.98 20.82 12.92
CA LYS A 333 -1.32 20.82 11.63
C LYS A 333 -0.38 19.62 11.49
N GLU A 334 0.14 19.11 12.60
CA GLU A 334 0.92 17.87 12.59
C GLU A 334 0.12 16.69 12.05
N GLN A 335 -1.20 16.78 12.13
CA GLN A 335 -2.08 15.68 11.79
C GLN A 335 -2.51 15.69 10.34
N LEU A 336 -2.08 16.69 9.56
CA LEU A 336 -2.48 16.85 8.17
C LEU A 336 -1.24 16.92 7.30
N VAL A 337 -0.95 15.84 6.57
CA VAL A 337 0.27 15.72 5.80
C VAL A 337 -0.09 15.48 4.33
N PRO A 338 0.27 16.36 3.43
CA PRO A 338 -0.04 16.15 2.02
C PRO A 338 0.97 15.28 1.31
N ALA A 339 0.50 14.61 0.26
CA ALA A 339 1.34 13.83 -0.62
C ALA A 339 0.80 13.99 -2.01
N PHE A 340 1.70 13.86 -2.99
CA PHE A 340 1.39 14.00 -4.40
C PHE A 340 1.79 12.73 -5.14
N ALA A 341 1.58 12.70 -6.45
CA ALA A 341 1.96 11.53 -7.19
C ALA A 341 3.47 11.32 -7.12
N GLY A 342 3.87 10.06 -7.12
CA GLY A 342 5.25 9.68 -6.94
C GLY A 342 5.74 8.71 -7.98
N PRO A 343 7.04 8.40 -7.95
CA PRO A 343 7.65 7.58 -8.98
C PRO A 343 7.69 6.11 -8.60
N GLY A 344 8.01 5.29 -9.59
CA GLY A 344 8.25 3.87 -9.36
C GLY A 344 9.60 3.62 -8.73
N ILE A 345 9.93 2.33 -8.65
CA ILE A 345 11.06 1.91 -7.84
C ILE A 345 12.37 2.32 -8.52
N GLU A 346 13.36 2.66 -7.71
CA GLU A 346 14.69 2.97 -8.23
C GLU A 346 15.70 2.03 -7.60
N LEU A 347 16.57 1.45 -8.43
CA LEU A 347 17.59 0.50 -8.04
C LEU A 347 18.96 1.15 -8.06
N PHE A 348 19.83 0.73 -7.13
CA PHE A 348 21.18 1.25 -7.06
C PHE A 348 22.15 0.12 -6.78
N GLU A 349 23.27 0.15 -7.49
CA GLU A 349 24.38 -0.75 -7.19
C GLU A 349 25.13 -0.25 -5.99
N THR A 350 25.72 -1.19 -5.26
CA THR A 350 26.70 -0.91 -4.22
C THR A 350 28.15 -1.17 -4.69
C3A DP6 B . -5.89 -2.54 3.32
O1A DP6 B . -0.32 -5.56 3.82
O2A DP6 B . -0.69 -5.91 1.31
O3A DP6 B . -3.86 -1.79 2.49
O1B DP6 B . 1.04 -8.61 2.74
O2B DP6 B . -0.86 -10.11 3.26
O3B DP6 B . -0.60 -9.04 0.97
PB DP6 B . -0.38 -8.94 2.46
O6 DP6 B . -1.23 -7.72 2.94
PA DP6 B . -1.11 -6.17 2.70
O5 DP6 B . -2.55 -5.60 2.85
C5 DP6 B . -2.85 -4.23 2.64
C4 DP6 B . -4.31 -4.13 2.23
C3 DP6 B . -4.90 -2.71 2.19
C2 DP6 B . -5.57 -2.39 0.89
C1 DP6 B . -4.63 -2.36 -0.32
O1 DP6 B . -3.46 -1.97 -0.17
O2 DP6 B . -5.04 -2.72 -1.43
H3A1 DP6 B . -5.53 -2.85 4.16
H3A2 DP6 B . -6.17 -1.62 3.43
H3A3 DP6 B . -6.70 -3.06 3.16
HO3A DP6 B . -4.15 -1.02 2.30
H51 DP6 B . -2.69 -3.69 3.43
H52 DP6 B . -2.29 -3.84 1.95
H41 DP6 B . -4.42 -4.54 1.37
H42 DP6 B . -4.84 -4.67 2.83
H21 DP6 B . -6.25 -3.06 0.68
H22 DP6 B . -6.05 -1.55 0.96
PG ACP C . -1.18 -3.46 7.74
O1G ACP C . -2.52 -2.89 8.05
O2G ACP C . -1.00 -3.65 6.23
O3G ACP C . -0.98 -4.79 8.55
PB ACP C . 1.69 -2.62 7.70
O1B ACP C . 2.73 -1.67 8.19
O2B ACP C . 1.78 -2.71 6.14
C3B ACP C . 0.04 -2.24 8.24
PA ACP C . 2.24 -5.43 7.53
O1A ACP C . 1.92 -6.69 8.49
O2A ACP C . 1.56 -5.48 6.21
O3A ACP C . 1.93 -4.06 8.28
O5' ACP C . 3.83 -5.27 7.36
C5' ACP C . 4.63 -5.06 8.53
C4' ACP C . 5.92 -5.83 8.31
O4' ACP C . 6.51 -5.37 7.08
C3' ACP C . 6.95 -5.54 9.41
O3' ACP C . 6.72 -6.39 10.54
C2' ACP C . 8.25 -5.91 8.65
O2' ACP C . 8.45 -7.33 8.59
C1' ACP C . 7.94 -5.35 7.24
N9 ACP C . 8.42 -3.95 7.08
C8 ACP C . 7.86 -2.80 7.55
N7 ACP C . 8.53 -1.73 7.23
C5 ACP C . 9.59 -2.20 6.52
C6 ACP C . 10.69 -1.60 5.89
N6 ACP C . 10.86 -0.23 5.90
N1 ACP C . 11.56 -2.40 5.24
C2 ACP C . 11.38 -3.70 5.23
N3 ACP C . 10.40 -4.39 5.78
C4 ACP C . 9.53 -3.58 6.40
H3B1 ACP C . 0.05 -2.17 9.32
H3B2 ACP C . -0.25 -1.27 7.82
H5'1 ACP C . 4.11 -5.44 9.40
H5'2 ACP C . 4.84 -4.00 8.65
H4' ACP C . 5.71 -6.90 8.26
H3' ACP C . 6.95 -4.48 9.70
HO3' ACP C . 6.14 -5.90 11.15
H2' ACP C . 9.11 -5.42 9.09
HO2' ACP C . 9.38 -7.49 8.75
H1' ACP C . 8.42 -5.99 6.48
H8 ACP C . 6.95 -2.78 8.13
HN61 ACP C . 10.17 0.35 5.53
HN62 ACP C . 11.66 0.16 6.28
H2 ACP C . 12.13 -4.28 4.70
MG MG D . 0.34 -3.51 4.64
#